data_1TLV
#
_entry.id   1TLV
#
_cell.length_a   48.734
_cell.length_b   48.734
_cell.length_c   162.472
_cell.angle_alpha   90.00
_cell.angle_beta   90.00
_cell.angle_gamma   120.00
#
_symmetry.space_group_name_H-M   'P 32 2 1'
#
loop_
_entity.id
_entity.type
_entity.pdbx_description
1 polymer 'Transcription antiterminator licT'
2 water water
#
_entity_poly.entity_id   1
_entity_poly.type   'polypeptide(L)'
_entity_poly.pdbx_seq_one_letter_code
;GAMEKFKTLLYDIPIE(CME)MEVSEEIISYAKLQLGKKLNDSIYVSLTDHINFAIQRNQKGLDIKNALLWETKRLYKDE
FAIGKEALVMVKNKTGVSLPEDEAGFIALHIVNAELNEEMPNIINITKVMQEILSIVKYHFKIEFNEESLHYYRFVTHLK
FFAQRLFNGTHMESQDDFLLDTVKEKYHRAYECTKKIQTYIEREYEHKLTSDELLYLTIHIERVV
;
_entity_poly.pdbx_strand_id   A
#
# COMPACT_ATOMS: atom_id res chain seq x y z
N GLY A 1 24.80 20.49 -17.22
CA GLY A 1 25.25 19.16 -17.71
C GLY A 1 24.35 18.04 -17.21
N ALA A 2 24.13 18.32 -15.86
CA ALA A 2 23.34 17.42 -15.03
C ALA A 2 21.86 17.51 -15.40
N MET A 3 21.67 18.34 -15.51
CA MET A 3 20.29 18.70 -15.77
C MET A 3 19.93 18.26 -17.18
N GLU A 4 20.86 18.45 -18.10
CA GLU A 4 20.61 18.08 -19.49
C GLU A 4 20.59 16.57 -19.66
N LYS A 5 21.50 15.87 -18.98
CA LYS A 5 21.56 14.42 -19.07
C LYS A 5 20.19 13.85 -18.74
N PHE A 6 19.62 14.31 -17.63
CA PHE A 6 18.30 13.86 -17.19
C PHE A 6 17.21 14.23 -18.18
N LYS A 7 17.34 15.42 -18.76
CA LYS A 7 16.36 15.89 -19.73
C LYS A 7 16.21 14.85 -20.84
N THR A 8 17.33 14.25 -21.23
CA THR A 8 17.33 13.25 -22.30
C THR A 8 16.64 11.95 -21.92
N LEU A 9 16.62 11.62 -20.64
CA LEU A 9 15.95 10.40 -20.19
C LEU A 9 14.45 10.46 -20.45
N LEU A 10 13.87 11.66 -20.46
CA LEU A 10 12.45 11.83 -20.72
C LEU A 10 12.08 11.42 -22.15
N TYR A 11 13.10 11.35 -23.00
CA TYR A 11 12.90 10.97 -24.40
C TYR A 11 12.64 9.47 -24.48
N ASP A 12 12.75 8.79 -23.34
CA ASP A 12 12.51 7.35 -23.31
C ASP A 12 11.20 7.02 -22.62
N ILE A 13 10.40 8.04 -22.35
CA ILE A 13 9.10 7.85 -21.71
C ILE A 13 7.98 8.27 -22.66
N PRO A 14 7.23 7.30 -23.21
CA PRO A 14 6.13 7.63 -24.13
C PRO A 14 5.20 8.68 -23.55
N ILE A 15 4.69 9.57 -24.43
CA ILE A 15 3.79 10.64 -24.01
C ILE A 15 2.46 10.09 -23.50
N GLU A 16 2.01 9.01 -24.10
CA GLU A 16 0.74 8.40 -23.70
C GLU A 16 0.82 7.90 -22.27
N CME A 17 2.01 7.48 -21.85
CA CME A 17 2.22 7.01 -20.48
CB CME A 17 3.61 6.41 -20.32
SG CME A 17 3.91 4.92 -21.30
SD CME A 17 2.36 3.68 -20.82
CE CME A 17 1.14 4.02 -22.11
CZ CME A 17 1.13 2.99 -23.23
OH CME A 17 2.36 2.88 -23.92
C CME A 17 2.04 8.19 -19.54
O CME A 17 1.35 8.09 -18.53
N MET A 18 2.66 9.32 -19.89
CA MET A 18 2.55 10.54 -19.09
C MET A 18 1.08 10.91 -18.98
N GLU A 19 0.39 10.87 -20.11
CA GLU A 19 -1.03 11.21 -20.19
C GLU A 19 -1.95 10.34 -19.34
N VAL A 20 -1.94 9.03 -19.58
CA VAL A 20 -2.81 8.14 -18.82
C VAL A 20 -2.48 8.19 -17.32
N SER A 21 -1.21 8.39 -16.99
CA SER A 21 -0.83 8.47 -15.58
C SER A 21 -1.43 9.71 -14.95
N GLU A 22 -1.40 10.84 -15.62
CA GLU A 22 -2.00 12.07 -15.08
C GLU A 22 -3.47 11.87 -14.79
N GLU A 23 -4.16 11.24 -15.77
CA GLU A 23 -5.58 10.97 -15.61
C GLU A 23 -5.82 10.18 -14.33
N ILE A 24 -4.97 9.17 -14.10
CA ILE A 24 -5.08 8.34 -12.91
C ILE A 24 -4.88 9.18 -11.66
N ILE A 25 -3.79 9.93 -11.63
CA ILE A 25 -3.45 10.78 -10.49
C ILE A 25 -4.59 11.75 -10.24
N SER A 26 -4.98 12.48 -11.28
CA SER A 26 -6.06 13.44 -11.16
C SER A 26 -7.26 12.78 -10.51
N TYR A 27 -7.66 11.64 -11.07
CA TYR A 27 -8.81 10.90 -10.55
C TYR A 27 -8.63 10.52 -9.09
N ALA A 28 -7.46 9.97 -8.76
CA ALA A 28 -7.18 9.55 -7.39
C ALA A 28 -7.35 10.67 -6.38
N LYS A 29 -6.87 11.86 -6.73
CA LYS A 29 -6.98 13.00 -5.85
C LYS A 29 -8.42 13.39 -5.56
N LEU A 30 -9.28 13.30 -6.56
CA LEU A 30 -10.70 13.64 -6.36
C LEU A 30 -11.36 12.62 -5.43
N GLN A 31 -11.11 11.35 -5.68
CA GLN A 31 -11.68 10.24 -4.91
C GLN A 31 -11.17 10.14 -3.48
N LEU A 32 -9.93 10.55 -3.26
CA LEU A 32 -9.34 10.45 -1.93
C LEU A 32 -9.23 11.80 -1.26
N GLY A 33 -9.02 12.84 -2.05
CA GLY A 33 -8.88 14.17 -1.48
C GLY A 33 -7.62 14.23 -0.64
N LYS A 34 -7.03 13.07 -0.40
CA LYS A 34 -5.79 12.98 0.38
C LYS A 34 -4.67 13.57 -0.47
N LYS A 35 -3.69 14.17 0.18
CA LYS A 35 -2.58 14.74 -0.57
C LYS A 35 -1.61 13.64 -0.95
N LEU A 36 -1.30 13.56 -2.24
CA LEU A 36 -0.37 12.58 -2.75
C LEU A 36 0.95 13.25 -3.03
N ASN A 37 2.04 12.61 -2.60
CA ASN A 37 3.37 13.15 -2.84
C ASN A 37 3.50 13.24 -4.37
N ASP A 38 4.10 14.31 -4.87
CA ASP A 38 4.26 14.48 -6.31
C ASP A 38 5.19 13.47 -6.95
N SER A 39 5.81 12.63 -6.13
CA SER A 39 6.71 11.59 -6.62
C SER A 39 5.89 10.58 -7.42
N ILE A 40 4.59 10.52 -7.10
CA ILE A 40 3.66 9.62 -7.76
C ILE A 40 3.67 9.81 -9.28
N TYR A 41 3.88 11.04 -9.75
CA TYR A 41 3.89 11.30 -11.18
C TYR A 41 4.92 10.49 -11.95
N VAL A 42 6.20 10.62 -11.58
CA VAL A 42 7.22 9.86 -12.29
C VAL A 42 7.17 8.39 -11.88
N SER A 43 6.81 8.11 -10.63
CA SER A 43 6.73 6.71 -10.16
C SER A 43 5.72 5.91 -10.97
N LEU A 44 4.48 6.40 -10.99
CA LEU A 44 3.41 5.72 -11.71
C LEU A 44 3.67 5.64 -13.22
N THR A 45 4.15 6.74 -13.80
CA THR A 45 4.43 6.77 -15.24
C THR A 45 5.45 5.72 -15.62
N ASP A 46 6.47 5.56 -14.78
CA ASP A 46 7.51 4.59 -15.05
C ASP A 46 6.96 3.18 -14.88
N HIS A 47 6.06 3.02 -13.91
CA HIS A 47 5.47 1.72 -13.63
C HIS A 47 4.53 1.23 -14.73
N ILE A 48 3.65 2.09 -15.20
CA ILE A 48 2.69 1.74 -16.25
C ILE A 48 3.44 1.35 -17.52
N ASN A 49 4.43 2.14 -17.90
CA ASN A 49 5.21 1.86 -19.10
C ASN A 49 5.85 0.49 -18.97
N PHE A 50 6.46 0.25 -17.81
CA PHE A 50 7.11 -1.04 -17.55
C PHE A 50 6.09 -2.16 -17.63
N ALA A 51 4.96 -1.96 -16.95
CA ALA A 51 3.90 -2.97 -16.92
C ALA A 51 3.36 -3.27 -18.31
N ILE A 52 3.06 -2.21 -19.05
CA ILE A 52 2.54 -2.36 -20.41
C ILE A 52 3.57 -3.09 -21.26
N GLN A 53 4.84 -2.67 -21.20
CA GLN A 53 5.87 -3.31 -22.00
C GLN A 53 6.06 -4.77 -21.63
N ARG A 54 6.06 -5.05 -20.33
CA ARG A 54 6.22 -6.42 -19.85
C ARG A 54 5.10 -7.29 -20.38
N ASN A 55 3.89 -6.75 -20.35
CA ASN A 55 2.69 -7.45 -20.82
C ASN A 55 2.76 -7.66 -22.33
N GLN A 56 3.37 -6.70 -23.03
CA GLN A 56 3.49 -6.79 -24.47
C GLN A 56 4.58 -7.78 -24.88
N LYS A 57 5.33 -8.27 -23.89
CA LYS A 57 6.37 -9.25 -24.17
C LYS A 57 5.87 -10.63 -23.80
N GLY A 58 4.62 -10.70 -23.37
CA GLY A 58 4.03 -11.98 -22.99
C GLY A 58 4.40 -12.44 -21.59
N LEU A 59 4.99 -11.53 -20.80
CA LEU A 59 5.41 -11.84 -19.44
C LEU A 59 4.28 -11.61 -18.45
N ASP A 60 4.23 -12.44 -17.41
CA ASP A 60 3.19 -12.31 -16.40
C ASP A 60 3.57 -11.29 -15.33
N ILE A 61 2.55 -10.71 -14.71
CA ILE A 61 2.73 -9.74 -13.64
C ILE A 61 2.03 -10.33 -12.43
N LYS A 62 2.81 -10.76 -11.45
CA LYS A 62 2.24 -11.34 -10.25
C LYS A 62 2.45 -10.45 -9.03
N ASN A 63 1.36 -10.14 -8.36
CA ASN A 63 1.39 -9.30 -7.17
C ASN A 63 1.12 -10.21 -5.96
N ALA A 64 2.17 -10.49 -5.20
CA ALA A 64 2.09 -11.37 -4.03
C ALA A 64 1.26 -10.80 -2.88
N LEU A 65 0.94 -9.52 -2.96
CA LEU A 65 0.14 -8.85 -1.93
C LEU A 65 -1.22 -8.38 -2.44
N LEU A 66 -1.70 -8.99 -3.53
CA LEU A 66 -2.98 -8.59 -4.10
C LEU A 66 -4.11 -8.69 -3.10
N TRP A 67 -4.29 -9.87 -2.51
CA TRP A 67 -5.35 -10.06 -1.52
C TRP A 67 -5.25 -9.03 -0.39
N GLU A 68 -4.08 -8.90 0.21
CA GLU A 68 -3.90 -7.95 1.30
C GLU A 68 -4.31 -6.55 0.87
N THR A 69 -3.88 -6.15 -0.32
CA THR A 69 -4.15 -4.85 -0.87
C THR A 69 -5.65 -4.61 -1.03
N LYS A 70 -6.37 -5.61 -1.53
CA LYS A 70 -7.81 -5.48 -1.71
C LYS A 70 -8.53 -5.20 -0.40
N ARG A 71 -8.09 -5.85 0.68
CA ARG A 71 -8.77 -5.66 1.96
C ARG A 71 -8.23 -4.56 2.88
N LEU A 72 -6.96 -4.18 2.73
CA LEU A 72 -6.37 -3.16 3.60
C LEU A 72 -6.42 -1.74 3.02
N TYR A 73 -6.51 -1.62 1.70
CA TYR A 73 -6.52 -0.33 1.04
C TYR A 73 -7.68 -0.32 0.05
N LYS A 74 -8.89 -0.44 0.59
CA LYS A 74 -10.11 -0.49 -0.21
C LYS A 74 -10.24 0.66 -1.21
N ASP A 75 -10.15 1.90 -0.73
CA ASP A 75 -10.29 3.06 -1.60
C ASP A 75 -9.27 3.09 -2.73
N GLU A 76 -8.01 2.86 -2.38
CA GLU A 76 -6.94 2.85 -3.37
C GLU A 76 -7.07 1.70 -4.38
N PHE A 77 -7.50 0.52 -3.93
CA PHE A 77 -7.66 -0.59 -4.87
C PHE A 77 -8.77 -0.26 -5.86
N ALA A 78 -9.81 0.41 -5.36
CA ALA A 78 -10.94 0.81 -6.20
C ALA A 78 -10.39 1.68 -7.33
N ILE A 79 -9.47 2.59 -6.98
CA ILE A 79 -8.88 3.47 -7.97
C ILE A 79 -8.02 2.68 -8.94
N GLY A 80 -7.26 1.72 -8.44
CA GLY A 80 -6.41 0.89 -9.28
C GLY A 80 -7.25 0.16 -10.31
N LYS A 81 -8.39 -0.36 -9.86
CA LYS A 81 -9.27 -1.07 -10.76
C LYS A 81 -9.64 -0.09 -11.88
N GLU A 82 -10.12 1.08 -11.49
CA GLU A 82 -10.52 2.09 -12.45
C GLU A 82 -9.35 2.43 -13.37
N ALA A 83 -8.15 2.52 -12.80
CA ALA A 83 -6.96 2.83 -13.60
C ALA A 83 -6.74 1.83 -14.72
N LEU A 84 -7.09 0.57 -14.49
CA LEU A 84 -6.90 -0.42 -15.54
C LEU A 84 -7.93 -0.16 -16.63
N VAL A 85 -9.09 0.40 -16.26
CA VAL A 85 -10.11 0.73 -17.27
C VAL A 85 -9.51 1.86 -18.07
N MET A 86 -9.03 2.88 -17.37
CA MET A 86 -8.42 4.02 -18.03
C MET A 86 -7.28 3.58 -18.95
N VAL A 87 -6.47 2.61 -18.52
CA VAL A 87 -5.35 2.14 -19.34
C VAL A 87 -5.81 1.36 -20.56
N LYS A 88 -6.93 0.65 -20.41
CA LYS A 88 -7.49 -0.15 -21.50
C LYS A 88 -8.00 0.76 -22.60
N ASN A 89 -8.77 1.78 -22.22
CA ASN A 89 -9.34 2.68 -23.21
C ASN A 89 -8.32 3.57 -23.90
N LYS A 90 -7.20 3.85 -23.24
CA LYS A 90 -6.20 4.71 -23.86
C LYS A 90 -5.19 3.93 -24.68
N THR A 91 -4.91 2.70 -24.24
CA THR A 91 -3.91 1.88 -24.92
C THR A 91 -4.46 0.62 -25.57
N GLY A 92 -5.66 0.20 -25.13
CA GLY A 92 -6.25 -1.01 -25.65
C GLY A 92 -5.72 -2.26 -24.96
N VAL A 93 -4.75 -2.07 -24.07
CA VAL A 93 -4.12 -3.18 -23.34
C VAL A 93 -4.82 -3.60 -22.07
N SER A 94 -5.02 -4.91 -21.94
CA SER A 94 -5.67 -5.48 -20.79
C SER A 94 -4.62 -5.94 -19.78
N LEU A 95 -4.51 -5.23 -18.66
CA LEU A 95 -3.56 -5.60 -17.63
C LEU A 95 -4.30 -6.44 -16.59
N PRO A 96 -3.60 -7.36 -15.90
CA PRO A 96 -4.26 -8.20 -14.91
C PRO A 96 -4.64 -7.45 -13.63
N GLU A 97 -5.53 -8.05 -12.84
CA GLU A 97 -5.97 -7.44 -11.59
C GLU A 97 -4.77 -7.17 -10.69
N ASP A 98 -3.70 -7.93 -10.90
CA ASP A 98 -2.48 -7.77 -10.12
C ASP A 98 -1.98 -6.35 -10.25
N GLU A 99 -2.15 -5.77 -11.44
CA GLU A 99 -1.71 -4.41 -11.71
C GLU A 99 -2.57 -3.40 -10.97
N ALA A 100 -3.85 -3.71 -10.79
CA ALA A 100 -4.71 -2.79 -10.04
C ALA A 100 -4.12 -2.73 -8.64
N GLY A 101 -3.58 -3.86 -8.18
CA GLY A 101 -2.98 -3.93 -6.85
C GLY A 101 -1.69 -3.12 -6.77
N PHE A 102 -0.89 -3.17 -7.82
CA PHE A 102 0.36 -2.43 -7.85
C PHE A 102 0.12 -0.93 -7.95
N ILE A 103 -0.91 -0.54 -8.72
CA ILE A 103 -1.21 0.88 -8.84
C ILE A 103 -1.71 1.38 -7.50
N ALA A 104 -2.55 0.58 -6.85
CA ALA A 104 -3.08 0.95 -5.54
C ALA A 104 -1.94 1.20 -4.56
N LEU A 105 -0.93 0.32 -4.56
CA LEU A 105 0.19 0.50 -3.64
C LEU A 105 1.02 1.74 -3.97
N HIS A 106 1.09 2.11 -5.24
CA HIS A 106 1.83 3.32 -5.62
C HIS A 106 1.13 4.54 -5.03
N ILE A 107 -0.19 4.50 -5.00
CA ILE A 107 -0.98 5.58 -4.44
C ILE A 107 -0.77 5.63 -2.94
N VAL A 108 -0.88 4.47 -2.29
CA VAL A 108 -0.67 4.42 -0.85
C VAL A 108 0.73 4.98 -0.56
N ASN A 109 1.70 4.60 -1.38
CA ASN A 109 3.07 5.09 -1.22
C ASN A 109 3.11 6.63 -1.19
N ALA A 110 2.48 7.24 -2.19
CA ALA A 110 2.45 8.69 -2.31
C ALA A 110 1.69 9.34 -1.15
N GLU A 111 0.74 8.60 -0.58
CA GLU A 111 -0.03 9.10 0.54
C GLU A 111 0.82 9.18 1.81
N LEU A 112 1.62 8.16 2.04
CA LEU A 112 2.46 8.09 3.22
C LEU A 112 3.87 8.61 3.05
N ASN A 113 4.19 9.06 1.85
CA ASN A 113 5.52 9.57 1.54
C ASN A 113 6.53 8.45 1.82
N GLU A 114 6.25 7.28 1.25
CA GLU A 114 7.10 6.09 1.41
C GLU A 114 7.60 5.55 0.08
N GLU A 115 8.49 4.57 0.15
CA GLU A 115 9.01 3.90 -1.05
C GLU A 115 8.44 2.50 -1.02
N MET A 116 8.26 1.87 -2.18
CA MET A 116 7.70 0.53 -2.25
C MET A 116 8.17 -0.51 -1.22
N PRO A 117 9.49 -0.66 -1.04
CA PRO A 117 9.97 -1.65 -0.07
C PRO A 117 9.31 -1.50 1.30
N ASN A 118 9.24 -0.26 1.79
CA ASN A 118 8.63 0.01 3.08
C ASN A 118 7.12 -0.20 3.10
N ILE A 119 6.47 0.14 1.99
CA ILE A 119 5.02 -0.04 1.91
C ILE A 119 4.73 -1.53 1.97
N ILE A 120 5.60 -2.34 1.38
CA ILE A 120 5.41 -3.77 1.41
C ILE A 120 5.52 -4.30 2.83
N ASN A 121 6.51 -3.81 3.57
CA ASN A 121 6.71 -4.24 4.95
C ASN A 121 5.56 -3.77 5.82
N ILE A 122 5.14 -2.53 5.59
CA ILE A 122 4.03 -1.95 6.35
C ILE A 122 2.76 -2.79 6.14
N THR A 123 2.47 -3.12 4.89
CA THR A 123 1.32 -3.93 4.55
C THR A 123 1.38 -5.35 5.17
N LYS A 124 2.55 -6.00 5.11
CA LYS A 124 2.65 -7.33 5.70
C LYS A 124 2.45 -7.32 7.22
N VAL A 125 2.95 -6.28 7.90
CA VAL A 125 2.78 -6.18 9.35
C VAL A 125 1.30 -6.00 9.70
N MET A 126 0.61 -5.15 8.96
CA MET A 126 -0.82 -4.91 9.16
C MET A 126 -1.57 -6.23 9.04
N GLN A 127 -1.31 -6.96 7.96
CA GLN A 127 -1.98 -8.23 7.72
C GLN A 127 -1.68 -9.24 8.83
N GLU A 128 -0.42 -9.34 9.23
CA GLU A 128 -0.06 -10.28 10.28
C GLU A 128 -0.81 -9.96 11.58
N ILE A 129 -0.94 -8.67 11.89
CA ILE A 129 -1.64 -8.25 13.10
C ILE A 129 -3.11 -8.68 13.04
N LEU A 130 -3.74 -8.44 11.89
CA LEU A 130 -5.13 -8.82 11.70
C LEU A 130 -5.30 -10.33 11.90
N SER A 131 -4.39 -11.10 11.31
CA SER A 131 -4.43 -12.55 11.42
C SER A 131 -4.22 -13.04 12.87
N ILE A 132 -3.25 -12.45 13.57
CA ILE A 132 -2.97 -12.84 14.96
C ILE A 132 -4.22 -12.54 15.83
N VAL A 133 -4.83 -11.39 15.59
CA VAL A 133 -6.03 -10.99 16.33
C VAL A 133 -7.20 -11.92 16.06
N LYS A 134 -7.59 -12.05 14.81
CA LYS A 134 -8.70 -12.92 14.43
C LYS A 134 -8.49 -14.33 15.00
N TYR A 135 -7.28 -14.86 14.83
CA TYR A 135 -6.96 -16.21 15.30
C TYR A 135 -6.87 -16.30 16.82
N HIS A 136 -6.67 -15.17 17.48
CA HIS A 136 -6.55 -15.14 18.93
C HIS A 136 -7.94 -15.08 19.59
N PHE A 137 -8.79 -14.19 19.11
CA PHE A 137 -10.12 -14.06 19.67
C PHE A 137 -11.15 -14.90 18.95
N LYS A 138 -10.70 -15.61 17.91
CA LYS A 138 -11.61 -16.44 17.12
C LYS A 138 -12.76 -15.58 16.65
N ILE A 139 -12.41 -14.42 16.07
CA ILE A 139 -13.38 -13.45 15.58
C ILE A 139 -13.36 -13.33 14.07
N GLU A 140 -14.48 -12.85 13.51
CA GLU A 140 -14.61 -12.66 12.09
C GLU A 140 -14.78 -11.16 11.85
N PHE A 141 -13.83 -10.57 11.12
CA PHE A 141 -13.89 -9.15 10.81
C PHE A 141 -14.74 -8.90 9.58
N ASN A 142 -15.55 -7.84 9.63
CA ASN A 142 -16.42 -7.49 8.53
C ASN A 142 -16.06 -6.10 7.98
N SER A 145 -18.12 -2.67 6.55
CA SER A 145 -17.03 -2.50 7.51
C SER A 145 -17.28 -1.28 8.38
N LEU A 146 -17.12 -1.42 9.68
CA LEU A 146 -17.31 -0.30 10.59
C LEU A 146 -16.00 0.12 11.21
N HIS A 147 -15.71 -0.42 12.40
CA HIS A 147 -14.47 -0.10 13.09
C HIS A 147 -13.28 -0.78 12.43
N TYR A 148 -13.54 -1.59 11.41
CA TYR A 148 -12.48 -2.29 10.68
C TYR A 148 -11.55 -1.27 10.03
N TYR A 149 -12.12 -0.31 9.31
CA TYR A 149 -11.34 0.72 8.66
C TYR A 149 -10.53 1.47 9.71
N ARG A 150 -11.20 1.83 10.79
CA ARG A 150 -10.59 2.56 11.90
C ARG A 150 -9.41 1.76 12.47
N PHE A 151 -9.61 0.46 12.63
CA PHE A 151 -8.56 -0.39 13.16
C PHE A 151 -7.42 -0.45 12.15
N VAL A 152 -7.76 -0.77 10.90
CA VAL A 152 -6.76 -0.85 9.85
C VAL A 152 -5.95 0.44 9.77
N THR A 153 -6.65 1.57 9.65
CA THR A 153 -5.96 2.86 9.57
C THR A 153 -4.94 3.02 10.69
N HIS A 154 -5.35 2.71 11.92
CA HIS A 154 -4.43 2.80 13.05
C HIS A 154 -3.20 1.90 12.87
N LEU A 155 -3.43 0.70 12.32
CA LEU A 155 -2.35 -0.25 12.09
C LEU A 155 -1.33 0.30 11.09
N LYS A 156 -1.85 0.88 10.02
CA LYS A 156 -1.05 1.47 8.97
C LYS A 156 -0.04 2.48 9.52
N PHE A 157 -0.51 3.42 10.34
CA PHE A 157 0.40 4.41 10.92
C PHE A 157 1.26 3.79 12.01
N PHE A 158 0.72 2.77 12.67
CA PHE A 158 1.50 2.10 13.70
C PHE A 158 2.71 1.46 13.03
N ALA A 159 2.47 0.77 11.93
CA ALA A 159 3.55 0.10 11.21
C ALA A 159 4.54 1.10 10.61
N GLN A 160 4.02 2.21 10.10
CA GLN A 160 4.89 3.24 9.51
C GLN A 160 5.86 3.77 10.55
N ARG A 161 5.33 4.11 11.73
CA ARG A 161 6.16 4.62 12.81
C ARG A 161 7.18 3.57 13.19
N LEU A 162 6.79 2.31 13.08
CA LEU A 162 7.69 1.22 13.40
C LEU A 162 8.89 1.16 12.46
N PHE A 163 8.69 1.47 11.18
CA PHE A 163 9.78 1.41 10.23
C PHE A 163 10.59 2.71 10.02
N ASN A 164 10.16 3.81 10.65
CA ASN A 164 10.90 5.07 10.51
C ASN A 164 11.42 5.61 11.86
N GLY A 165 11.01 4.97 12.95
CA GLY A 165 11.48 5.38 14.27
C GLY A 165 10.63 6.35 15.07
N THR A 166 9.48 6.75 14.52
CA THR A 166 8.61 7.68 15.25
C THR A 166 8.05 6.98 16.49
N HIS A 167 7.66 7.77 17.47
CA HIS A 167 7.10 7.23 18.71
C HIS A 167 5.92 8.03 19.21
N MET A 168 4.73 7.40 19.15
CA MET A 168 3.51 8.03 19.62
C MET A 168 3.07 9.21 18.75
N TYR A 183 -5.92 -5.11 28.76
CA TYR A 183 -6.64 -6.21 29.41
C TYR A 183 -6.18 -7.57 28.92
N HIS A 184 -5.19 -8.12 29.60
CA HIS A 184 -4.59 -9.42 29.29
C HIS A 184 -4.98 -10.10 27.98
N ARG A 185 -6.25 -10.41 27.79
CA ARG A 185 -6.69 -11.07 26.56
C ARG A 185 -6.18 -10.31 25.33
N ALA A 186 -6.28 -8.98 25.36
CA ALA A 186 -5.82 -8.15 24.25
C ALA A 186 -4.31 -8.01 24.32
N TYR A 187 -3.78 -7.92 25.54
CA TYR A 187 -2.34 -7.78 25.76
C TYR A 187 -1.58 -9.04 25.35
N GLU A 188 -2.10 -10.20 25.63
CA GLU A 188 -1.46 -11.47 25.30
C GLU A 188 -1.38 -11.53 23.79
N CYS A 189 -2.42 -11.00 23.09
CA CYS A 189 -2.44 -10.95 21.64
C CYS A 189 -1.29 -10.05 21.18
N THR A 190 -1.17 -8.89 21.82
CA THR A 190 -0.13 -7.93 21.49
C THR A 190 1.28 -8.50 21.67
N LYS A 191 1.44 -9.37 22.65
CA LYS A 191 2.74 -9.99 22.91
C LYS A 191 3.15 -10.97 21.81
N LYS A 192 2.16 -11.61 21.19
CA LYS A 192 2.45 -12.52 20.09
C LYS A 192 2.95 -11.67 18.93
N ILE A 193 2.33 -10.51 18.75
CA ILE A 193 2.70 -9.57 17.69
C ILE A 193 4.15 -9.08 17.90
N GLN A 194 4.51 -8.84 19.15
CA GLN A 194 5.86 -8.40 19.49
C GLN A 194 6.88 -9.44 19.05
N THR A 195 6.57 -10.70 19.34
CA THR A 195 7.45 -11.79 18.98
C THR A 195 7.62 -11.85 17.46
N TYR A 196 6.49 -11.76 16.74
CA TYR A 196 6.52 -11.78 15.28
C TYR A 196 7.39 -10.67 14.69
N ILE A 197 7.15 -9.43 15.12
CA ILE A 197 7.90 -8.28 14.61
C ILE A 197 9.37 -8.32 15.00
N GLU A 198 9.68 -8.81 16.20
CA GLU A 198 11.09 -8.88 16.58
C GLU A 198 11.79 -9.90 15.68
N ARG A 199 11.19 -11.08 15.50
CA ARG A 199 11.78 -12.13 14.66
C ARG A 199 11.90 -11.81 13.18
N GLU A 200 10.89 -11.19 12.61
CA GLU A 200 10.91 -10.89 11.18
C GLU A 200 11.56 -9.56 10.81
N TYR A 201 11.44 -8.55 11.67
CA TYR A 201 12.02 -7.25 11.36
C TYR A 201 13.08 -6.73 12.33
N GLU A 202 13.37 -7.52 13.35
CA GLU A 202 14.37 -7.16 14.35
C GLU A 202 14.05 -5.90 15.18
N HIS A 203 12.78 -5.66 15.43
CA HIS A 203 12.40 -4.53 16.26
C HIS A 203 11.50 -5.08 17.36
N LYS A 204 11.78 -4.69 18.61
CA LYS A 204 10.98 -5.13 19.75
C LYS A 204 10.07 -4.00 20.22
N LEU A 205 8.78 -4.24 20.19
CA LEU A 205 7.80 -3.25 20.59
C LEU A 205 8.06 -2.68 21.97
N THR A 206 7.98 -1.36 22.08
CA THR A 206 8.21 -0.69 23.35
C THR A 206 6.92 -0.64 24.15
N SER A 207 7.00 -0.15 25.38
CA SER A 207 5.83 -0.06 26.26
C SER A 207 4.68 0.64 25.56
N ASP A 208 4.94 1.84 25.05
CA ASP A 208 3.92 2.62 24.36
C ASP A 208 3.35 1.90 23.15
N GLU A 209 4.20 1.21 22.41
CA GLU A 209 3.75 0.46 21.23
C GLU A 209 2.79 -0.66 21.65
N LEU A 210 3.12 -1.33 22.74
CA LEU A 210 2.28 -2.40 23.26
C LEU A 210 0.97 -1.81 23.76
N LEU A 211 1.07 -0.66 24.44
CA LEU A 211 -0.08 0.03 24.99
C LEU A 211 -1.03 0.31 23.84
N TYR A 212 -0.50 0.98 22.82
CA TYR A 212 -1.24 1.34 21.63
C TYR A 212 -1.98 0.15 21.05
N LEU A 213 -1.22 -0.92 20.76
CA LEU A 213 -1.81 -2.12 20.19
C LEU A 213 -2.93 -2.71 21.05
N THR A 214 -2.64 -2.95 22.31
CA THR A 214 -3.63 -3.51 23.23
C THR A 214 -4.93 -2.70 23.21
N ILE A 215 -4.82 -1.40 23.46
CA ILE A 215 -5.98 -0.50 23.48
C ILE A 215 -6.84 -0.67 22.24
N HIS A 216 -6.21 -0.57 21.07
CA HIS A 216 -6.92 -0.69 19.81
C HIS A 216 -7.44 -2.08 19.46
N ILE A 217 -6.70 -3.11 19.83
CA ILE A 217 -7.16 -4.47 19.56
C ILE A 217 -8.39 -4.69 20.44
N GLU A 218 -8.21 -4.42 21.73
CA GLU A 218 -9.28 -4.53 22.72
C GLU A 218 -10.49 -3.83 22.12
N ARG A 219 -10.28 -2.58 21.75
CA ARG A 219 -11.30 -1.74 21.16
C ARG A 219 -11.94 -2.35 19.91
N VAL A 220 -11.13 -2.69 18.92
CA VAL A 220 -11.67 -3.24 17.68
C VAL A 220 -12.50 -4.51 17.88
N VAL A 221 -12.23 -5.23 18.96
CA VAL A 221 -12.97 -6.45 19.21
C VAL A 221 -14.08 -6.21 20.24
#